data_5XH3
#
_entry.id   5XH3
#
_cell.length_a   50.897
_cell.length_b   51.282
_cell.length_c   84.108
_cell.angle_alpha   90.000
_cell.angle_beta   90.000
_cell.angle_gamma   90.000
#
_symmetry.space_group_name_H-M   'P 21 21 21'
#
loop_
_entity.id
_entity.type
_entity.pdbx_description
1 polymer 'Poly(ethylene terephthalate) hydrolase'
2 non-polymer 'O 4-(2-hydroxyethyl) O 1-methyl benzene-1,4-dicarboxylate'
3 non-polymer 'SULFATE ION'
4 non-polymer GLYCEROL
5 water water
#
_entity_poly.entity_id   1
_entity_poly.type   'polypeptide(L)'
_entity_poly.pdbx_seq_one_letter_code
;NPYARGPNPTAASLEASAGPFTVRSFTVSRPSGYGAGTVYYPTNAGGTVGAIAIVPGYTARQSSIKWWGPRLASHGFVVI
TIDTNSTLDQPSSRSSQQMAALGQVASLNGTSSSPIYGKVDTARMGVMGWAMGGGGSLISAANNPSLKAAAPQAPWDSST
NFSSVTVPTLIFACENDSIAPVNSSALPIYDSMSRNAKQFLEINGGSHSCANSGNSNQALIGKKGVAWMKRFMDNDTRYS
TFACENPNSTRVSDFRTANCS
;
_entity_poly.pdbx_strand_id   A
#
# COMPACT_ATOMS: atom_id res chain seq x y z
N ASN A 1 21.11 9.01 -5.42
CA ASN A 1 19.94 8.09 -5.54
C ASN A 1 19.19 8.27 -6.86
N PRO A 2 19.32 7.29 -7.77
CA PRO A 2 18.63 7.40 -9.07
C PRO A 2 17.11 7.33 -8.98
N TYR A 3 16.57 6.93 -7.85
CA TYR A 3 15.11 6.74 -7.73
C TYR A 3 14.39 7.94 -7.10
N ALA A 4 15.16 8.89 -6.58
CA ALA A 4 14.54 10.02 -5.92
C ALA A 4 13.71 10.85 -6.90
N ARG A 5 12.48 11.14 -6.53
CA ARG A 5 11.61 12.00 -7.35
C ARG A 5 11.00 13.09 -6.52
N GLY A 6 10.74 14.25 -7.14
CA GLY A 6 9.96 15.28 -6.50
C GLY A 6 10.73 16.13 -5.51
N PRO A 7 10.12 17.25 -5.09
CA PRO A 7 10.76 18.18 -4.18
C PRO A 7 10.96 17.58 -2.80
N ASN A 8 11.81 18.20 -2.01
CA ASN A 8 12.02 17.71 -0.65
C ASN A 8 10.72 17.77 0.14
N PRO A 9 10.41 16.71 0.89
CA PRO A 9 9.13 16.63 1.58
C PRO A 9 9.09 17.50 2.83
N THR A 10 7.89 17.96 3.18
CA THR A 10 7.64 18.57 4.50
C THR A 10 6.40 17.89 5.08
N ALA A 11 6.17 18.08 6.37
CA ALA A 11 4.94 17.55 6.95
C ALA A 11 3.74 18.05 6.16
N ALA A 12 3.68 19.35 5.87
CA ALA A 12 2.57 19.92 5.12
C ALA A 12 2.43 19.25 3.76
N SER A 13 3.54 19.05 3.04
CA SER A 13 3.42 18.52 1.68
C SER A 13 2.94 17.07 1.68
N LEU A 14 3.27 16.34 2.75
CA LEU A 14 2.80 14.95 2.90
C LEU A 14 1.40 14.81 3.46
N GLU A 15 0.93 15.81 4.21
CA GLU A 15 -0.41 15.81 4.78
C GLU A 15 -1.45 16.32 3.78
N ALA A 16 -1.00 17.05 2.75
CA ALA A 16 -1.91 17.61 1.76
C ALA A 16 -2.69 16.52 1.05
N SER A 17 -3.84 16.87 0.51
CA SER A 17 -4.61 15.94 -0.28
C SER A 17 -3.89 15.45 -1.53
N ALA A 18 -3.08 16.31 -2.13
CA ALA A 18 -2.35 15.92 -3.32
C ALA A 18 -0.88 16.26 -3.21
N GLY A 19 -0.06 15.38 -3.77
CA GLY A 19 1.35 15.64 -3.90
C GLY A 19 1.66 16.51 -5.11
N PRO A 20 2.94 16.61 -5.46
CA PRO A 20 3.39 17.57 -6.45
C PRO A 20 3.07 17.19 -7.89
N PHE A 21 2.79 15.93 -8.18
CA PHE A 21 2.63 15.50 -9.58
C PHE A 21 1.17 15.48 -9.98
N THR A 22 0.94 15.69 -11.26
CA THR A 22 -0.39 15.60 -11.84
C THR A 22 -0.71 14.13 -12.12
N VAL A 23 -1.94 13.75 -11.84
CA VAL A 23 -2.35 12.36 -11.93
C VAL A 23 -3.39 12.23 -13.04
N ARG A 24 -3.28 11.14 -13.78
CA ARG A 24 -4.34 10.70 -14.68
C ARG A 24 -4.59 9.22 -14.39
N SER A 25 -5.68 8.68 -14.94
CA SER A 25 -6.03 7.29 -14.71
C SER A 25 -6.71 6.66 -15.90
N PHE A 26 -6.70 5.33 -15.96
CA PHE A 26 -7.44 4.61 -16.97
C PHE A 26 -7.92 3.29 -16.40
N THR A 27 -8.87 2.68 -17.09
CA THR A 27 -9.42 1.38 -16.72
C THR A 27 -8.65 0.34 -17.51
N VAL A 28 -8.31 -0.79 -16.88
CA VAL A 28 -7.64 -1.88 -17.61
C VAL A 28 -8.63 -2.61 -18.53
N SER A 29 -8.33 -2.68 -19.82
CA SER A 29 -9.27 -3.39 -20.76
C SER A 29 -9.46 -4.86 -20.45
N ARG A 30 -8.37 -5.62 -20.43
CA ARG A 30 -8.46 -7.05 -20.22
C ARG A 30 -7.61 -7.36 -19.02
N PRO A 31 -8.22 -7.30 -17.82
CA PRO A 31 -7.44 -7.73 -16.64
C PRO A 31 -6.83 -9.13 -16.78
N SER A 32 -5.60 -9.27 -16.35
CA SER A 32 -4.85 -10.51 -16.50
C SER A 32 -4.99 -11.22 -15.17
N GLY A 33 -6.08 -11.97 -14.96
CA GLY A 33 -6.10 -12.84 -13.78
C GLY A 33 -6.73 -12.20 -12.55
N TYR A 34 -7.44 -11.09 -12.74
CA TYR A 34 -8.19 -10.47 -11.64
C TYR A 34 -9.44 -9.85 -12.23
N GLY A 35 -10.26 -9.21 -11.41
CA GLY A 35 -11.60 -8.82 -11.85
C GLY A 35 -11.66 -7.57 -12.72
N ALA A 36 -11.04 -6.51 -12.23
CA ALA A 36 -11.05 -5.21 -12.92
C ALA A 36 -9.94 -4.38 -12.28
N GLY A 37 -9.49 -3.35 -12.98
CA GLY A 37 -8.46 -2.51 -12.42
C GLY A 37 -8.54 -1.10 -12.90
N THR A 38 -8.06 -0.18 -12.06
CA THR A 38 -7.85 1.21 -12.45
C THR A 38 -6.39 1.54 -12.18
N VAL A 39 -5.71 2.10 -13.19
CA VAL A 39 -4.31 2.50 -13.05
C VAL A 39 -4.26 4.01 -12.91
N TYR A 40 -3.61 4.49 -11.86
CA TYR A 40 -3.34 5.91 -11.60
C TYR A 40 -1.84 6.14 -11.83
N TYR A 41 -1.49 7.25 -12.48
CA TYR A 41 -0.08 7.47 -12.80
C TYR A 41 0.20 8.96 -12.84
N PRO A 42 1.46 9.33 -12.56
CA PRO A 42 1.85 10.73 -12.67
C PRO A 42 2.20 11.05 -14.12
N THR A 43 1.82 12.23 -14.53
CA THR A 43 2.11 12.64 -15.92
C THR A 43 3.43 13.39 -16.02
N ASN A 44 4.04 13.72 -14.87
CA ASN A 44 5.18 14.65 -14.86
C ASN A 44 6.20 14.29 -13.77
N ALA A 45 6.41 13.01 -13.51
CA ALA A 45 7.38 12.59 -12.47
C ALA A 45 8.84 12.82 -12.81
N GLY A 46 9.16 12.87 -14.10
CA GLY A 46 10.55 13.16 -14.49
C GLY A 46 11.54 11.99 -14.49
N GLY A 47 11.07 10.81 -14.18
CA GLY A 47 11.82 9.58 -14.31
C GLY A 47 10.85 8.43 -14.07
N THR A 48 11.31 7.21 -14.31
CA THR A 48 10.47 6.05 -14.04
C THR A 48 10.19 5.94 -12.55
N VAL A 49 9.04 5.37 -12.22
CA VAL A 49 8.60 5.26 -10.81
C VAL A 49 8.23 3.81 -10.51
N GLY A 50 8.19 3.49 -9.22
CA GLY A 50 7.73 2.18 -8.82
C GLY A 50 6.23 2.02 -8.94
N ALA A 51 5.77 0.77 -8.85
CA ALA A 51 4.34 0.45 -8.97
C ALA A 51 3.82 -0.22 -7.72
N ILE A 52 2.57 0.11 -7.37
CA ILE A 52 1.93 -0.41 -6.15
C ILE A 52 0.58 -0.99 -6.54
N ALA A 53 0.27 -2.20 -6.08
CA ALA A 53 -1.04 -2.84 -6.34
C ALA A 53 -1.81 -2.95 -5.04
N ILE A 54 -3.07 -2.54 -5.10
CA ILE A 54 -3.92 -2.42 -3.90
C ILE A 54 -5.20 -3.22 -4.05
N VAL A 55 -5.50 -4.05 -3.03
CA VAL A 55 -6.62 -4.99 -3.11
C VAL A 55 -7.62 -4.71 -1.98
N PRO A 56 -8.92 -4.78 -2.28
CA PRO A 56 -9.92 -4.54 -1.22
C PRO A 56 -10.09 -5.71 -0.28
N GLY A 57 -11.01 -5.54 0.68
CA GLY A 57 -11.39 -6.61 1.60
C GLY A 57 -12.56 -7.44 1.10
N TYR A 58 -12.96 -8.41 1.92
CA TYR A 58 -14.08 -9.30 1.62
C TYR A 58 -15.33 -8.47 1.33
N THR A 59 -16.02 -8.81 0.25
CA THR A 59 -17.22 -8.13 -0.27
C THR A 59 -16.94 -6.83 -0.98
N ALA A 60 -15.73 -6.29 -0.83
CA ALA A 60 -15.50 -4.89 -1.19
C ALA A 60 -14.92 -4.73 -2.60
N ARG A 61 -14.96 -3.51 -3.09
CA ARG A 61 -14.53 -3.18 -4.43
C ARG A 61 -13.50 -2.05 -4.40
N GLN A 62 -13.13 -1.57 -5.58
CA GLN A 62 -12.11 -0.52 -5.67
C GLN A 62 -12.49 0.70 -4.86
N SER A 63 -13.78 1.02 -4.76
CA SER A 63 -14.18 2.23 -4.07
CA SER A 63 -14.19 2.23 -4.07
C SER A 63 -13.58 2.32 -2.66
N SER A 64 -13.52 1.19 -1.96
CA SER A 64 -13.07 1.18 -0.58
C SER A 64 -11.60 1.63 -0.44
N ILE A 65 -10.80 1.45 -1.49
CA ILE A 65 -9.35 1.70 -1.44
C ILE A 65 -8.92 2.77 -2.44
N LYS A 66 -9.85 3.32 -3.21
CA LYS A 66 -9.47 4.16 -4.36
C LYS A 66 -8.74 5.43 -3.96
N TRP A 67 -8.99 5.96 -2.77
CA TRP A 67 -8.35 7.24 -2.42
C TRP A 67 -6.82 7.15 -2.50
N TRP A 68 -6.28 5.96 -2.26
CA TRP A 68 -4.83 5.75 -2.32
C TRP A 68 -4.29 6.00 -3.73
N GLY A 69 -5.10 5.80 -4.78
CA GLY A 69 -4.60 5.92 -6.15
C GLY A 69 -4.07 7.31 -6.41
N PRO A 70 -4.91 8.34 -6.29
CA PRO A 70 -4.38 9.69 -6.54
C PRO A 70 -3.41 10.14 -5.44
N ARG A 71 -3.62 9.69 -4.20
CA ARG A 71 -2.74 10.15 -3.12
C ARG A 71 -1.32 9.69 -3.38
N LEU A 72 -1.12 8.39 -3.66
CA LEU A 72 0.21 7.88 -3.95
C LEU A 72 0.72 8.33 -5.31
N ALA A 73 -0.13 8.28 -6.34
CA ALA A 73 0.40 8.56 -7.68
C ALA A 73 0.89 10.01 -7.77
N SER A 74 0.26 10.93 -7.02
CA SER A 74 0.66 12.34 -7.04
C SER A 74 1.99 12.58 -6.34
N HIS A 75 2.54 11.56 -5.69
CA HIS A 75 3.90 11.64 -5.14
C HIS A 75 4.91 10.84 -5.94
N GLY A 76 4.49 10.24 -7.06
CA GLY A 76 5.44 9.58 -7.98
C GLY A 76 5.43 8.06 -7.87
N PHE A 77 4.26 7.47 -8.13
CA PHE A 77 4.09 6.01 -8.17
C PHE A 77 3.04 5.72 -9.23
N VAL A 78 3.13 4.56 -9.86
CA VAL A 78 2.02 4.00 -10.63
C VAL A 78 1.23 3.08 -9.71
N VAL A 79 -0.07 3.31 -9.58
CA VAL A 79 -0.89 2.59 -8.61
C VAL A 79 -1.99 1.88 -9.34
N ILE A 80 -2.15 0.57 -9.12
CA ILE A 80 -3.30 -0.14 -9.67
C ILE A 80 -4.19 -0.59 -8.51
N THR A 81 -5.46 -0.18 -8.56
CA THR A 81 -6.44 -0.64 -7.60
C THR A 81 -7.27 -1.70 -8.30
N ILE A 82 -7.52 -2.82 -7.64
CA ILE A 82 -8.24 -3.91 -8.31
C ILE A 82 -9.57 -4.25 -7.67
N ASP A 83 -10.46 -4.80 -8.51
CA ASP A 83 -11.51 -5.67 -8.03
C ASP A 83 -11.07 -7.10 -8.23
N THR A 84 -11.40 -7.96 -7.28
CA THR A 84 -11.05 -9.36 -7.39
C THR A 84 -12.03 -10.12 -8.29
N ASN A 85 -11.61 -11.31 -8.72
CA ASN A 85 -12.47 -12.11 -9.56
C ASN A 85 -13.84 -12.34 -8.94
N SER A 86 -13.86 -12.59 -7.63
CA SER A 86 -15.11 -12.66 -6.86
C SER A 86 -14.90 -11.76 -5.65
N THR A 87 -15.96 -11.08 -5.21
CA THR A 87 -15.86 -10.33 -3.98
C THR A 87 -15.61 -11.24 -2.77
N LEU A 88 -15.80 -12.55 -2.93
CA LEU A 88 -15.72 -13.49 -1.82
C LEU A 88 -14.41 -14.28 -1.86
N ASP A 89 -13.43 -13.80 -2.64
CA ASP A 89 -12.11 -14.46 -2.64
C ASP A 89 -11.41 -14.32 -1.30
N GLN A 90 -10.59 -15.31 -0.96
CA GLN A 90 -9.86 -15.36 0.28
C GLN A 90 -8.46 -14.74 0.12
N PRO A 91 -7.70 -14.57 1.23
CA PRO A 91 -6.42 -13.89 1.14
C PRO A 91 -5.43 -14.48 0.14
N SER A 92 -5.27 -15.80 0.06
CA SER A 92 -4.30 -16.37 -0.88
CA SER A 92 -4.29 -16.36 -0.86
C SER A 92 -4.62 -16.01 -2.32
N SER A 93 -5.89 -16.14 -2.70
CA SER A 93 -6.34 -15.77 -4.03
C SER A 93 -6.14 -14.27 -4.25
N ARG A 94 -6.41 -13.45 -3.25
CA ARG A 94 -6.20 -12.00 -3.33
C ARG A 94 -4.72 -11.70 -3.62
N SER A 95 -3.85 -12.43 -2.95
CA SER A 95 -2.41 -12.26 -3.20
C SER A 95 -2.04 -12.62 -4.65
N SER A 96 -2.53 -13.76 -5.16
CA SER A 96 -2.25 -14.12 -6.55
C SER A 96 -2.73 -13.04 -7.49
N GLN A 97 -3.92 -12.51 -7.24
CA GLN A 97 -4.50 -11.48 -8.09
C GLN A 97 -3.73 -10.16 -8.02
N GLN A 98 -3.27 -9.80 -6.83
CA GLN A 98 -2.45 -8.63 -6.61
C GLN A 98 -1.16 -8.71 -7.41
N MET A 99 -0.53 -9.88 -7.38
CA MET A 99 0.73 -10.05 -8.13
C MET A 99 0.47 -10.10 -9.63
N ALA A 100 -0.66 -10.67 -10.07
CA ALA A 100 -1.01 -10.64 -11.47
C ALA A 100 -1.20 -9.18 -11.93
N ALA A 101 -1.80 -8.34 -11.07
CA ALA A 101 -1.99 -6.94 -11.41
C ALA A 101 -0.65 -6.23 -11.54
N LEU A 102 0.32 -6.54 -10.67
CA LEU A 102 1.66 -5.97 -10.84
C LEU A 102 2.28 -6.43 -12.16
N GLY A 103 2.13 -7.73 -12.48
CA GLY A 103 2.62 -8.24 -13.76
C GLY A 103 2.02 -7.49 -14.93
N GLN A 104 0.72 -7.19 -14.84
CA GLN A 104 0.06 -6.46 -15.92
C GLN A 104 0.51 -5.01 -16.01
N VAL A 105 0.79 -4.37 -14.87
CA VAL A 105 1.42 -3.06 -14.91
C VAL A 105 2.77 -3.13 -15.63
N ALA A 106 3.55 -4.17 -15.32
CA ALA A 106 4.81 -4.38 -16.06
C ALA A 106 4.55 -4.55 -17.58
N SER A 107 3.51 -5.30 -17.94
CA SER A 107 3.16 -5.46 -19.37
C SER A 107 2.84 -4.13 -20.02
N LEU A 108 2.04 -3.33 -19.33
CA LEU A 108 1.60 -2.07 -19.88
C LEU A 108 2.79 -1.11 -20.01
N ASN A 109 3.75 -1.22 -19.10
CA ASN A 109 4.98 -0.42 -19.21
C ASN A 109 5.69 -0.70 -20.55
N GLY A 110 5.54 -1.91 -21.08
CA GLY A 110 6.14 -2.29 -22.35
C GLY A 110 5.20 -2.27 -23.54
N THR A 111 4.04 -1.64 -23.38
CA THR A 111 3.01 -1.61 -24.42
C THR A 111 2.84 -0.19 -24.94
N SER A 112 3.23 0.04 -26.20
CA SER A 112 3.40 1.41 -26.69
C SER A 112 2.11 2.23 -26.73
N SER A 113 0.96 1.55 -26.81
CA SER A 113 -0.31 2.25 -26.72
C SER A 113 -0.79 2.64 -25.32
N SER A 114 -0.08 2.19 -24.29
CA SER A 114 -0.51 2.46 -22.91
C SER A 114 -0.07 3.85 -22.47
N PRO A 115 -0.89 4.50 -21.64
CA PRO A 115 -0.47 5.74 -21.03
C PRO A 115 0.76 5.59 -20.11
N ILE A 116 1.04 4.39 -19.61
CA ILE A 116 2.19 4.18 -18.74
C ILE A 116 3.38 3.54 -19.44
N TYR A 117 3.37 3.56 -20.77
CA TYR A 117 4.52 3.07 -21.53
C TYR A 117 5.81 3.79 -21.05
N GLY A 118 6.80 3.03 -20.61
CA GLY A 118 8.07 3.59 -20.14
C GLY A 118 8.00 4.43 -18.88
N LYS A 119 6.90 4.37 -18.11
CA LYS A 119 6.80 5.12 -16.88
C LYS A 119 7.23 4.36 -15.63
N VAL A 120 7.34 3.04 -15.75
CA VAL A 120 7.47 2.18 -14.55
C VAL A 120 8.87 1.58 -14.50
N ASP A 121 9.48 1.62 -13.31
CA ASP A 121 10.64 0.81 -13.02
C ASP A 121 10.14 -0.51 -12.44
N THR A 122 10.05 -1.54 -13.29
CA THR A 122 9.39 -2.77 -12.89
C THR A 122 10.14 -3.54 -11.82
N ALA A 123 11.36 -3.11 -11.48
CA ALA A 123 12.10 -3.76 -10.41
C ALA A 123 11.70 -3.21 -9.04
N ARG A 124 10.85 -2.20 -8.99
CA ARG A 124 10.51 -1.55 -7.70
C ARG A 124 9.00 -1.54 -7.53
N MET A 125 8.52 -2.48 -6.70
CA MET A 125 7.09 -2.69 -6.54
CA MET A 125 7.08 -2.73 -6.57
C MET A 125 6.70 -2.81 -5.09
N GLY A 126 5.43 -2.49 -4.83
CA GLY A 126 4.90 -2.50 -3.48
C GLY A 126 3.48 -3.05 -3.48
N VAL A 127 3.02 -3.43 -2.28
CA VAL A 127 1.70 -4.04 -2.11
C VAL A 127 0.95 -3.44 -0.95
N MET A 128 -0.33 -3.16 -1.17
CA MET A 128 -1.21 -2.62 -0.12
C MET A 128 -2.57 -3.31 -0.23
N GLY A 129 -3.41 -3.16 0.79
CA GLY A 129 -4.73 -3.74 0.70
C GLY A 129 -5.41 -3.76 2.04
N TRP A 130 -6.74 -3.89 1.98
CA TRP A 130 -7.57 -3.82 3.17
C TRP A 130 -8.05 -5.18 3.61
N ALA A 131 -7.83 -5.52 4.90
CA ALA A 131 -8.54 -6.65 5.54
C ALA A 131 -8.07 -7.94 4.85
N MET A 132 -8.92 -8.77 4.26
CA MET A 132 -8.38 -9.95 3.58
C MET A 132 -7.39 -9.52 2.48
N GLY A 133 -7.57 -8.35 1.88
CA GLY A 133 -6.61 -7.85 0.90
C GLY A 133 -5.30 -7.42 1.55
N GLY A 134 -5.35 -7.06 2.83
CA GLY A 134 -4.18 -6.80 3.63
C GLY A 134 -3.46 -8.10 3.95
N GLY A 135 -4.21 -9.14 4.33
CA GLY A 135 -3.59 -10.46 4.45
C GLY A 135 -2.97 -10.87 3.12
N GLY A 136 -3.69 -10.64 2.02
CA GLY A 136 -3.13 -10.97 0.70
C GLY A 136 -1.83 -10.22 0.43
N SER A 137 -1.72 -8.97 0.88
CA SER A 137 -0.47 -8.22 0.67
C SER A 137 0.69 -8.80 1.46
N LEU A 138 0.41 -9.29 2.66
CA LEU A 138 1.44 -9.95 3.48
C LEU A 138 1.87 -11.29 2.89
N ILE A 139 0.92 -12.03 2.32
CA ILE A 139 1.26 -13.26 1.59
C ILE A 139 2.11 -12.92 0.36
N SER A 140 1.75 -11.84 -0.34
CA SER A 140 2.54 -11.43 -1.51
C SER A 140 3.98 -11.13 -1.08
N ALA A 141 4.13 -10.39 0.01
CA ALA A 141 5.45 -10.03 0.51
C ALA A 141 6.22 -11.28 0.93
N ALA A 142 5.57 -12.21 1.65
CA ALA A 142 6.24 -13.45 2.05
C ALA A 142 6.75 -14.22 0.83
N ASN A 143 5.92 -14.30 -0.22
CA ASN A 143 6.26 -15.11 -1.38
C ASN A 143 7.18 -14.40 -2.36
N ASN A 144 7.27 -13.06 -2.28
CA ASN A 144 8.05 -12.30 -3.25
C ASN A 144 8.89 -11.30 -2.48
N PRO A 145 10.02 -11.78 -1.90
CA PRO A 145 10.80 -10.91 -1.02
C PRO A 145 11.50 -9.77 -1.75
N SER A 146 11.50 -9.78 -3.08
CA SER A 146 12.08 -8.62 -3.77
CA SER A 146 12.06 -8.64 -3.82
C SER A 146 11.11 -7.45 -3.88
N LEU A 147 9.84 -7.63 -3.47
CA LEU A 147 8.99 -6.47 -3.28
C LEU A 147 9.69 -5.49 -2.34
N LYS A 148 9.53 -4.19 -2.59
CA LYS A 148 10.26 -3.21 -1.80
C LYS A 148 9.54 -2.69 -0.60
N ALA A 149 8.21 -2.82 -0.57
CA ALA A 149 7.45 -2.29 0.57
C ALA A 149 6.05 -2.89 0.59
N ALA A 150 5.49 -2.97 1.79
CA ALA A 150 4.11 -3.40 1.99
C ALA A 150 3.47 -2.46 3.01
N ALA A 151 2.21 -2.10 2.78
CA ALA A 151 1.50 -1.25 3.76
C ALA A 151 0.02 -1.63 3.82
N PRO A 152 -0.26 -2.84 4.32
CA PRO A 152 -1.68 -3.26 4.47
C PRO A 152 -2.42 -2.49 5.57
N GLN A 153 -3.76 -2.51 5.48
CA GLN A 153 -4.58 -1.81 6.45
C GLN A 153 -5.64 -2.74 7.00
N ALA A 154 -5.78 -2.73 8.33
CA ALA A 154 -6.73 -3.60 9.05
C ALA A 154 -6.63 -5.04 8.53
N PRO A 155 -5.39 -5.57 8.46
CA PRO A 155 -5.22 -6.88 7.82
C PRO A 155 -5.86 -8.03 8.58
N TRP A 156 -6.19 -9.07 7.82
CA TRP A 156 -6.58 -10.32 8.41
C TRP A 156 -6.09 -11.45 7.53
N ASP A 157 -5.65 -12.52 8.18
CA ASP A 157 -5.42 -13.81 7.54
C ASP A 157 -5.74 -14.85 8.61
N SER A 158 -6.11 -16.04 8.19
CA SER A 158 -6.39 -17.10 9.18
C SER A 158 -5.12 -17.55 9.93
N SER A 159 -3.95 -17.25 9.38
CA SER A 159 -2.68 -17.37 10.13
C SER A 159 -2.14 -15.99 10.47
N THR A 160 -1.55 -15.83 11.64
CA THR A 160 -0.96 -14.55 11.98
C THR A 160 0.57 -14.59 11.94
N ASN A 161 1.13 -15.75 11.60
CA ASN A 161 2.59 -15.90 11.60
C ASN A 161 3.20 -15.48 10.29
N PHE A 162 3.67 -14.23 10.25
CA PHE A 162 4.31 -13.69 9.08
C PHE A 162 5.79 -13.44 9.36
N SER A 163 6.39 -14.35 10.11
CA SER A 163 7.83 -14.29 10.32
C SER A 163 8.59 -14.51 9.00
N SER A 164 7.89 -15.01 7.97
CA SER A 164 8.45 -15.15 6.63
C SER A 164 8.73 -13.81 5.93
N VAL A 165 8.14 -12.71 6.40
CA VAL A 165 8.18 -11.45 5.64
C VAL A 165 9.45 -10.69 5.90
N THR A 166 10.20 -10.41 4.83
CA THR A 166 11.45 -9.66 4.97
C THR A 166 11.32 -8.27 4.35
N VAL A 167 10.16 -7.99 3.79
CA VAL A 167 9.87 -6.74 3.09
C VAL A 167 9.49 -5.67 4.13
N PRO A 168 9.99 -4.43 4.01
CA PRO A 168 9.58 -3.36 4.94
C PRO A 168 8.06 -3.23 4.96
N THR A 169 7.47 -3.36 6.14
CA THR A 169 6.00 -3.48 6.24
C THR A 169 5.43 -2.54 7.29
N LEU A 170 4.54 -1.64 6.86
CA LEU A 170 3.77 -0.78 7.72
C LEU A 170 2.36 -1.34 7.83
N ILE A 171 1.91 -1.62 9.05
CA ILE A 171 0.56 -2.11 9.28
C ILE A 171 -0.27 -0.96 9.84
N PHE A 172 -1.26 -0.50 9.08
CA PHE A 172 -2.31 0.33 9.65
C PHE A 172 -3.32 -0.55 10.35
N ALA A 173 -3.74 -0.12 11.52
CA ALA A 173 -4.72 -0.88 12.30
C ALA A 173 -5.79 0.09 12.76
N CYS A 174 -6.93 -0.44 13.16
CA CYS A 174 -8.09 0.40 13.53
C CYS A 174 -8.52 -0.03 14.93
N GLU A 175 -8.41 0.87 15.91
CA GLU A 175 -8.48 0.47 17.31
C GLU A 175 -9.70 -0.39 17.63
N ASN A 176 -10.85 0.04 17.14
CA ASN A 176 -12.14 -0.56 17.52
C ASN A 176 -12.63 -1.52 16.45
N ASP A 177 -11.72 -2.05 15.65
CA ASP A 177 -12.10 -3.00 14.60
C ASP A 177 -12.81 -4.22 15.23
N SER A 178 -14.05 -4.48 14.78
CA SER A 178 -14.81 -5.64 15.28
CA SER A 178 -14.81 -5.64 15.28
C SER A 178 -14.80 -6.81 14.29
N ILE A 179 -14.29 -6.56 13.10
CA ILE A 179 -14.28 -7.56 12.04
C ILE A 179 -12.95 -8.32 12.02
N ALA A 180 -11.85 -7.57 12.13
CA ALA A 180 -10.52 -8.16 12.28
C ALA A 180 -9.86 -7.55 13.50
N PRO A 181 -10.30 -7.97 14.70
CA PRO A 181 -9.85 -7.30 15.91
C PRO A 181 -8.34 -7.19 15.96
N VAL A 182 -7.85 -6.06 16.43
CA VAL A 182 -6.42 -5.81 16.48
C VAL A 182 -5.69 -6.88 17.29
N ASN A 183 -6.27 -7.31 18.41
CA ASN A 183 -5.54 -8.21 19.29
C ASN A 183 -5.41 -9.63 18.75
N SER A 184 -6.28 -9.99 17.81
CA SER A 184 -6.18 -11.32 17.19
C SER A 184 -5.68 -11.29 15.75
N SER A 185 -5.48 -10.11 15.19
CA SER A 185 -5.17 -9.97 13.77
CA SER A 185 -5.14 -10.00 13.77
C SER A 185 -3.95 -9.05 13.56
N ALA A 186 -4.19 -7.76 13.44
CA ALA A 186 -3.10 -6.85 13.09
C ALA A 186 -1.91 -6.93 14.05
N LEU A 187 -2.17 -6.96 15.37
CA LEU A 187 -1.04 -6.91 16.30
C LEU A 187 -0.20 -8.19 16.33
N PRO A 188 -0.85 -9.37 16.38
CA PRO A 188 -0.02 -10.57 16.31
C PRO A 188 0.72 -10.69 14.97
N ILE A 189 0.08 -10.25 13.89
CA ILE A 189 0.82 -10.19 12.60
C ILE A 189 2.07 -9.32 12.72
N TYR A 190 1.89 -8.10 13.25
CA TYR A 190 3.03 -7.20 13.42
C TYR A 190 4.10 -7.86 14.27
N ASP A 191 3.71 -8.46 15.38
CA ASP A 191 4.69 -9.00 16.31
C ASP A 191 5.48 -10.16 15.71
N SER A 192 4.88 -10.88 14.76
CA SER A 192 5.52 -12.06 14.18
C SER A 192 6.73 -11.71 13.32
N MET A 193 6.77 -10.49 12.80
CA MET A 193 7.77 -10.14 11.77
C MET A 193 9.08 -9.73 12.41
N SER A 194 10.15 -10.47 12.09
CA SER A 194 11.40 -10.35 12.85
C SER A 194 12.57 -9.87 12.02
N ARG A 195 12.47 -9.94 10.70
CA ARG A 195 13.61 -9.73 9.82
C ARG A 195 13.54 -8.43 9.04
N ASN A 196 12.54 -7.60 9.31
CA ASN A 196 12.28 -6.45 8.46
C ASN A 196 12.21 -5.13 9.22
N ALA A 197 12.38 -4.03 8.49
CA ALA A 197 11.83 -2.76 8.94
C ALA A 197 10.31 -2.90 9.03
N LYS A 198 9.73 -2.46 10.14
CA LYS A 198 8.29 -2.62 10.30
C LYS A 198 7.72 -1.51 11.18
N GLN A 199 6.42 -1.30 11.05
CA GLN A 199 5.75 -0.27 11.82
C GLN A 199 4.31 -0.67 12.01
N PHE A 200 3.74 -0.19 13.11
CA PHE A 200 2.35 -0.48 13.51
C PHE A 200 1.72 0.85 13.88
N LEU A 201 0.66 1.24 13.19
CA LEU A 201 0.00 2.53 13.43
C LEU A 201 -1.47 2.28 13.57
N GLU A 202 -1.93 2.35 14.82
CA GLU A 202 -3.34 2.08 15.12
C GLU A 202 -4.12 3.39 15.31
N ILE A 203 -5.18 3.57 14.53
CA ILE A 203 -5.97 4.77 14.55
C ILE A 203 -6.97 4.75 15.70
N ASN A 204 -6.88 5.77 16.54
CA ASN A 204 -7.71 5.92 17.76
C ASN A 204 -9.20 5.94 17.39
N GLY A 205 -9.95 5.00 17.98
CA GLY A 205 -11.38 4.86 17.78
C GLY A 205 -11.80 4.33 16.42
N GLY A 206 -10.85 3.85 15.62
CA GLY A 206 -11.19 3.50 14.24
C GLY A 206 -12.04 2.25 14.16
N SER A 207 -13.01 2.24 13.24
CA SER A 207 -13.71 1.01 12.86
C SER A 207 -12.90 0.27 11.81
N HIS A 208 -13.38 -0.88 11.38
CA HIS A 208 -12.66 -1.69 10.39
C HIS A 208 -12.32 -0.90 9.10
N SER A 209 -13.09 0.13 8.77
CA SER A 209 -12.91 0.92 7.56
C SER A 209 -12.08 2.20 7.78
N CYS A 210 -11.30 2.26 8.86
CA CYS A 210 -10.65 3.53 9.26
C CYS A 210 -9.58 4.07 8.31
N ALA A 211 -9.07 3.23 7.40
CA ALA A 211 -8.07 3.69 6.44
C ALA A 211 -8.65 3.64 5.01
N ASN A 212 -9.98 3.54 4.89
CA ASN A 212 -10.61 3.46 3.57
C ASN A 212 -10.91 4.81 2.96
N SER A 213 -11.38 4.80 1.72
CA SER A 213 -11.81 6.05 1.11
C SER A 213 -12.84 6.71 1.99
N GLY A 214 -12.74 8.03 2.15
CA GLY A 214 -13.70 8.73 2.98
C GLY A 214 -13.31 8.77 4.46
N ASN A 215 -12.16 8.25 4.85
CA ASN A 215 -11.79 8.30 6.25
C ASN A 215 -11.43 9.74 6.66
N SER A 216 -11.52 10.02 7.95
CA SER A 216 -11.26 11.37 8.46
C SER A 216 -9.85 11.55 8.98
N ASN A 217 -8.93 10.66 8.60
CA ASN A 217 -7.52 10.80 8.96
C ASN A 217 -6.62 10.75 7.76
N GLN A 218 -7.05 11.33 6.65
CA GLN A 218 -6.26 11.21 5.43
C GLN A 218 -4.93 11.95 5.50
N ALA A 219 -4.85 12.99 6.32
CA ALA A 219 -3.59 13.72 6.43
C ALA A 219 -2.51 12.79 7.02
N LEU A 220 -2.82 12.18 8.16
CA LEU A 220 -1.85 11.31 8.83
C LEU A 220 -1.65 10.00 8.07
N ILE A 221 -2.74 9.34 7.70
CA ILE A 221 -2.62 8.03 7.07
C ILE A 221 -1.94 8.19 5.73
N GLY A 222 -2.32 9.22 4.96
CA GLY A 222 -1.68 9.45 3.66
C GLY A 222 -0.22 9.84 3.81
N LYS A 223 0.12 10.67 4.80
CA LYS A 223 1.53 11.03 5.03
C LYS A 223 2.31 9.76 5.32
N LYS A 224 1.80 8.86 6.19
CA LYS A 224 2.58 7.70 6.56
C LYS A 224 2.69 6.73 5.39
N GLY A 225 1.60 6.50 4.65
CA GLY A 225 1.68 5.58 3.52
C GLY A 225 2.66 6.08 2.48
N VAL A 226 2.55 7.35 2.10
CA VAL A 226 3.47 7.92 1.12
C VAL A 226 4.90 7.87 1.63
N ALA A 227 5.12 8.24 2.89
CA ALA A 227 6.48 8.28 3.43
C ALA A 227 7.10 6.89 3.41
N TRP A 228 6.31 5.88 3.81
CA TRP A 228 6.81 4.52 3.87
C TRP A 228 7.19 4.05 2.47
N MET A 229 6.28 4.29 1.50
CA MET A 229 6.57 3.88 0.13
C MET A 229 7.75 4.63 -0.47
N LYS A 230 7.86 5.91 -0.20
CA LYS A 230 9.02 6.68 -0.71
C LYS A 230 10.30 6.14 -0.10
N ARG A 231 10.31 5.96 1.22
CA ARG A 231 11.55 5.53 1.89
C ARG A 231 12.01 4.19 1.32
N PHE A 232 11.07 3.23 1.17
CA PHE A 232 11.46 1.86 0.88
C PHE A 232 11.40 1.50 -0.59
N MET A 233 10.42 2.04 -1.33
CA MET A 233 10.42 1.76 -2.78
C MET A 233 11.48 2.54 -3.51
N ASP A 234 11.75 3.77 -3.06
CA ASP A 234 12.67 4.67 -3.76
C ASP A 234 14.00 4.74 -3.04
N ASN A 235 14.16 4.00 -1.94
CA ASN A 235 15.37 4.10 -1.08
C ASN A 235 15.61 5.55 -0.67
N ASP A 236 14.54 6.33 -0.53
CA ASP A 236 14.70 7.78 -0.47
C ASP A 236 14.77 8.22 0.98
N THR A 237 16.00 8.42 1.45
CA THR A 237 16.20 8.72 2.87
C THR A 237 15.77 10.14 3.24
N ARG A 238 15.38 10.97 2.25
CA ARG A 238 14.74 12.23 2.60
C ARG A 238 13.49 11.96 3.41
N TYR A 239 12.91 10.76 3.24
CA TYR A 239 11.68 10.39 3.93
C TYR A 239 11.90 9.57 5.19
N SER A 240 13.14 9.41 5.63
CA SER A 240 13.38 8.52 6.77
C SER A 240 12.70 9.00 8.05
N THR A 241 12.73 10.30 8.34
CA THR A 241 12.06 10.77 9.56
C THR A 241 10.57 10.54 9.46
N PHE A 242 9.96 10.95 8.34
CA PHE A 242 8.52 10.76 8.21
C PHE A 242 8.14 9.28 8.26
N ALA A 243 8.93 8.41 7.66
CA ALA A 243 8.62 6.99 7.65
C ALA A 243 8.78 6.37 9.03
N CYS A 244 9.83 6.76 9.76
CA CYS A 244 10.18 6.06 11.00
C CYS A 244 9.62 6.68 12.27
N GLU A 245 9.24 7.95 12.24
CA GLU A 245 8.90 8.65 13.47
C GLU A 245 7.61 8.15 14.08
N ASN A 246 7.52 8.25 15.40
CA ASN A 246 6.22 8.21 16.08
C ASN A 246 5.59 9.58 15.84
N PRO A 247 4.38 9.65 15.25
CA PRO A 247 3.78 10.97 15.01
C PRO A 247 3.42 11.69 16.30
N ASN A 248 3.33 10.94 17.40
CA ASN A 248 2.96 11.47 18.72
C ASN A 248 1.63 12.25 18.57
N SER A 249 0.63 11.58 18.00
CA SER A 249 -0.61 12.22 17.61
C SER A 249 -1.76 11.67 18.47
N THR A 250 -2.69 12.55 18.85
CA THR A 250 -3.89 12.11 19.54
C THR A 250 -4.80 11.26 18.65
N ARG A 251 -4.52 11.20 17.34
CA ARG A 251 -5.27 10.33 16.42
C ARG A 251 -4.75 8.87 16.44
N VAL A 252 -3.66 8.60 17.17
CA VAL A 252 -3.02 7.30 17.14
C VAL A 252 -3.09 6.68 18.53
N SER A 253 -3.77 5.55 18.64
CA SER A 253 -3.91 4.90 19.93
C SER A 253 -2.79 3.90 20.21
N ASP A 254 -2.02 3.51 19.19
CA ASP A 254 -0.91 2.56 19.41
C ASP A 254 0.09 2.78 18.28
N PHE A 255 1.33 3.03 18.61
CA PHE A 255 2.40 3.16 17.63
C PHE A 255 3.52 2.23 18.03
N ARG A 256 4.08 1.48 17.08
CA ARG A 256 5.29 0.67 17.34
C ARG A 256 6.13 0.70 16.09
N THR A 257 7.45 0.59 16.21
CA THR A 257 8.26 0.44 15.00
C THR A 257 9.54 -0.29 15.39
N ALA A 258 10.15 -0.96 14.42
CA ALA A 258 11.42 -1.66 14.65
C ALA A 258 12.24 -1.62 13.39
N ASN A 259 13.56 -1.55 13.56
CA ASN A 259 14.50 -1.69 12.45
C ASN A 259 14.28 -0.63 11.39
N CYS A 260 13.83 0.56 11.80
CA CYS A 260 13.51 1.57 10.80
C CYS A 260 14.62 2.63 10.74
N SER A 261 15.06 2.98 9.54
CA SER A 261 16.16 3.94 9.31
C SER A 261 15.86 4.73 8.04
#